data_5COW
#
_entry.id   5COW
#
_cell.length_a   89.610
_cell.length_b   89.610
_cell.length_c   51.460
_cell.angle_alpha   90.000
_cell.angle_beta   90.000
_cell.angle_gamma   120.000
#
_symmetry.space_group_name_H-M   'P 31 2 1'
#
loop_
_entity.id
_entity.type
_entity.pdbx_description
1 polymer 'Putative uncharacterized protein'
2 non-polymer 'SULFATE ION'
3 non-polymer 1,2-ETHANEDIOL
4 water water
#
_entity_poly.entity_id   1
_entity_poly.type   'polypeptide(L)'
_entity_poly.pdbx_seq_one_letter_code
;KLLLEGVKEQDPVDKFTYLLLQPLTEATLSDAVNFIVEKYSAELPDEGDASLVVRSQLGCQFFFLVTRTLAHDQRELAKL
VQTLIPRPVRLEVFPGLQRSVFKSSVFLGHHIIQIFMGAKKPFQDWSFVGLAQDFECPWRRLAIAELLKKFSVSVVEKVF
DNPVALIPQHESDNEALIELVTNALRFALWIVEFYETETNEKSIKELAFLDHSSKTLLIESFTKFLQGKDVKDQDHLKRI
IDALEKS
;
_entity_poly.pdbx_strand_id   A
#
loop_
_chem_comp.id
_chem_comp.type
_chem_comp.name
_chem_comp.formula
EDO non-polymer 1,2-ETHANEDIOL 'C2 H6 O2'
SO4 non-polymer 'SULFATE ION' 'O4 S -2'
#
# COMPACT_ATOMS: atom_id res chain seq x y z
N ASP A 14 14.22 13.20 19.06
CA ASP A 14 14.95 14.29 18.41
C ASP A 14 15.66 13.80 17.16
N LYS A 15 16.64 12.91 17.33
CA LYS A 15 17.39 12.36 16.21
C LYS A 15 16.43 11.65 15.24
N PHE A 16 15.52 10.85 15.79
CA PHE A 16 14.57 10.11 14.97
C PHE A 16 13.61 11.04 14.24
N THR A 17 13.09 12.04 14.95
CA THR A 17 12.17 12.99 14.33
C THR A 17 12.87 13.71 13.19
N TYR A 18 14.14 14.06 13.38
CA TYR A 18 14.91 14.72 12.33
C TYR A 18 15.00 13.88 11.05
N LEU A 19 15.29 12.59 11.22
CA LEU A 19 15.36 11.65 10.09
C LEU A 19 14.05 11.63 9.32
N LEU A 20 12.96 11.49 10.06
CA LEU A 20 11.62 11.32 9.47
C LEU A 20 11.12 12.56 8.75
N LEU A 21 11.74 13.70 9.01
CA LEU A 21 11.30 14.97 8.43
C LEU A 21 12.10 15.36 7.20
N GLN A 22 13.18 14.62 6.95
CA GLN A 22 14.04 14.90 5.81
C GLN A 22 13.37 14.47 4.50
N PRO A 23 13.77 15.09 3.39
CA PRO A 23 13.37 14.61 2.06
C PRO A 23 13.63 13.11 1.91
N LEU A 24 12.69 12.42 1.27
CA LEU A 24 12.78 10.98 1.11
CA LEU A 24 12.78 10.98 1.09
C LEU A 24 13.87 10.57 0.12
N THR A 25 14.94 9.96 0.65
CA THR A 25 15.99 9.43 -0.20
CA THR A 25 15.99 9.45 -0.20
C THR A 25 16.35 8.04 0.27
N GLU A 26 17.13 7.31 -0.52
CA GLU A 26 17.54 5.97 -0.11
C GLU A 26 18.30 6.04 1.20
N ALA A 27 19.10 7.09 1.35
CA ALA A 27 19.90 7.28 2.56
C ALA A 27 19.03 7.56 3.78
N THR A 28 18.07 8.48 3.64
CA THR A 28 17.22 8.84 4.77
C THR A 28 16.30 7.68 5.16
N LEU A 29 15.84 6.91 4.17
CA LEU A 29 15.03 5.74 4.45
C LEU A 29 15.84 4.69 5.21
N SER A 30 17.06 4.44 4.75
CA SER A 30 17.94 3.48 5.41
C SER A 30 18.20 3.83 6.86
N ASP A 31 18.50 5.10 7.12
CA ASP A 31 18.78 5.54 8.49
C ASP A 31 17.55 5.41 9.40
N ALA A 32 16.38 5.71 8.86
CA ALA A 32 15.14 5.58 9.60
C ALA A 32 14.85 4.11 9.95
N VAL A 33 14.95 3.23 8.94
CA VAL A 33 14.75 1.80 9.17
C VAL A 33 15.75 1.26 10.20
N ASN A 34 17.01 1.64 10.09
CA ASN A 34 18.03 1.20 11.03
C ASN A 34 17.70 1.57 12.47
N PHE A 35 17.13 2.75 12.66
CA PHE A 35 16.74 3.21 13.98
C PHE A 35 15.61 2.35 14.54
N ILE A 36 14.57 2.11 13.74
CA ILE A 36 13.45 1.28 14.20
C ILE A 36 13.92 -0.16 14.46
N VAL A 37 14.82 -0.67 13.62
CA VAL A 37 15.35 -2.01 13.87
C VAL A 37 16.11 -2.10 15.19
N GLU A 38 16.86 -1.06 15.55
CA GLU A 38 17.58 -1.08 16.83
C GLU A 38 16.59 -1.20 17.99
N LYS A 39 15.49 -0.46 17.92
CA LYS A 39 14.48 -0.53 18.97
C LYS A 39 13.82 -1.91 18.98
N TYR A 40 13.55 -2.46 17.79
CA TYR A 40 12.93 -3.77 17.68
C TYR A 40 13.84 -4.86 18.26
N SER A 41 15.14 -4.76 17.94
CA SER A 41 16.12 -5.75 18.38
C SER A 41 16.23 -5.80 19.89
N ALA A 42 16.03 -4.65 20.54
CA ALA A 42 16.02 -4.59 21.99
C ALA A 42 14.88 -5.39 22.62
N GLU A 43 13.80 -5.59 21.86
CA GLU A 43 12.61 -6.28 22.35
C GLU A 43 12.62 -7.79 22.12
N LEU A 44 13.34 -8.22 21.08
CA LEU A 44 13.39 -9.63 20.70
C LEU A 44 13.67 -10.63 21.84
N PRO A 45 14.64 -10.34 22.74
CA PRO A 45 14.88 -11.30 23.84
C PRO A 45 13.73 -11.42 24.86
N ASP A 46 12.77 -10.50 24.83
CA ASP A 46 11.69 -10.46 25.82
C ASP A 46 10.35 -10.88 25.20
N GLU A 47 9.64 -11.79 25.85
CA GLU A 47 8.46 -12.39 25.25
C GLU A 47 7.16 -12.16 26.04
N GLY A 48 7.20 -11.30 27.05
CA GLY A 48 5.99 -10.90 27.75
C GLY A 48 5.11 -10.02 26.87
N ASP A 49 3.90 -9.73 27.33
CA ASP A 49 2.94 -8.97 26.53
C ASP A 49 3.43 -7.57 26.16
N ALA A 50 4.08 -6.90 27.11
CA ALA A 50 4.49 -5.52 26.89
C ALA A 50 5.38 -5.42 25.65
N SER A 51 6.32 -6.34 25.54
CA SER A 51 7.21 -6.40 24.39
C SER A 51 6.46 -6.62 23.08
N LEU A 52 5.42 -7.45 23.11
CA LEU A 52 4.63 -7.69 21.91
C LEU A 52 3.92 -6.42 21.45
N VAL A 53 3.46 -5.64 22.41
CA VAL A 53 2.76 -4.39 22.12
C VAL A 53 3.74 -3.37 21.51
N VAL A 54 4.94 -3.27 22.08
CA VAL A 54 5.96 -2.39 21.51
C VAL A 54 6.28 -2.81 20.09
N ARG A 55 6.44 -4.10 19.87
CA ARG A 55 6.82 -4.59 18.56
C ARG A 55 5.71 -4.40 17.52
N SER A 56 4.44 -4.47 17.96
CA SER A 56 3.33 -4.17 17.07
C SER A 56 3.41 -2.72 16.58
N GLN A 57 3.61 -1.78 17.50
CA GLN A 57 3.76 -0.38 17.13
C GLN A 57 4.97 -0.15 16.22
N LEU A 58 6.11 -0.77 16.53
CA LEU A 58 7.30 -0.64 15.68
C LEU A 58 7.06 -1.18 14.29
N GLY A 59 6.31 -2.27 14.19
CA GLY A 59 5.91 -2.80 12.89
C GLY A 59 5.14 -1.78 12.06
N CYS A 60 4.18 -1.10 12.69
CA CYS A 60 3.45 -0.05 11.98
C CYS A 60 4.34 1.10 11.55
N GLN A 61 5.42 1.36 12.27
CA GLN A 61 6.35 2.41 11.85
C GLN A 61 7.04 2.03 10.54
N PHE A 62 7.42 0.76 10.39
CA PHE A 62 7.97 0.29 9.11
C PHE A 62 6.94 0.50 7.99
N PHE A 63 5.68 0.14 8.22
CA PHE A 63 4.69 0.24 7.16
C PHE A 63 4.31 1.69 6.86
N PHE A 64 4.48 2.59 7.82
CA PHE A 64 4.33 4.03 7.54
C PHE A 64 5.38 4.46 6.49
N LEU A 65 6.61 3.99 6.67
CA LEU A 65 7.67 4.32 5.72
C LEU A 65 7.36 3.74 4.34
N VAL A 66 6.84 2.51 4.29
CA VAL A 66 6.41 1.93 3.01
C VAL A 66 5.35 2.81 2.34
N THR A 67 4.29 3.16 3.07
CA THR A 67 3.18 3.91 2.47
C THR A 67 3.62 5.30 2.03
N ARG A 68 4.51 5.92 2.81
CA ARG A 68 5.00 7.25 2.46
C ARG A 68 5.76 7.22 1.13
N THR A 69 6.56 6.16 0.89
CA THR A 69 7.29 6.06 -0.36
C THR A 69 6.35 5.73 -1.53
N LEU A 70 5.26 5.00 -1.26
CA LEU A 70 4.28 4.75 -2.32
C LEU A 70 3.62 6.06 -2.74
N ALA A 71 3.25 6.86 -1.75
CA ALA A 71 2.53 8.11 -1.99
C ALA A 71 3.43 9.16 -2.64
N HIS A 72 4.74 9.05 -2.42
CA HIS A 72 5.65 9.98 -3.04
C HIS A 72 6.22 9.48 -4.37
N ASP A 73 5.60 8.44 -4.92
CA ASP A 73 5.98 7.88 -6.22
C ASP A 73 7.44 7.45 -6.23
N GLN A 74 7.85 6.76 -5.17
CA GLN A 74 9.18 6.19 -5.06
C GLN A 74 9.05 4.71 -4.70
N ARG A 75 8.45 3.96 -5.63
CA ARG A 75 8.11 2.56 -5.40
C ARG A 75 9.35 1.71 -5.12
N GLU A 76 10.48 2.07 -5.70
CA GLU A 76 11.71 1.30 -5.47
C GLU A 76 12.14 1.37 -4.01
N LEU A 77 11.99 2.52 -3.37
CA LEU A 77 12.34 2.65 -1.98
C LEU A 77 11.39 1.83 -1.09
N ALA A 78 10.12 1.72 -1.48
CA ALA A 78 9.16 0.91 -0.73
C ALA A 78 9.61 -0.55 -0.67
N LYS A 79 9.94 -1.10 -1.83
CA LYS A 79 10.40 -2.48 -1.91
C LYS A 79 11.62 -2.67 -1.02
N LEU A 80 12.48 -1.65 -1.00
CA LEU A 80 13.74 -1.70 -0.27
C LEU A 80 13.60 -1.86 1.24
N VAL A 81 12.47 -1.41 1.79
CA VAL A 81 12.25 -1.48 3.24
C VAL A 81 12.39 -2.90 3.76
N GLN A 82 11.87 -3.85 3.01
CA GLN A 82 11.97 -5.26 3.37
C GLN A 82 13.44 -5.71 3.46
N THR A 83 14.25 -5.25 2.50
CA THR A 83 15.66 -5.60 2.41
C THR A 83 16.50 -5.07 3.57
N LEU A 84 16.09 -3.92 4.10
CA LEU A 84 16.86 -3.21 5.11
C LEU A 84 16.55 -3.71 6.52
N ILE A 85 15.66 -4.68 6.62
CA ILE A 85 15.24 -5.25 7.90
C ILE A 85 15.87 -6.63 8.08
N PRO A 86 16.62 -6.85 9.18
CA PRO A 86 17.25 -8.16 9.39
C PRO A 86 16.22 -9.29 9.43
N ARG A 87 16.59 -10.47 8.96
CA ARG A 87 15.64 -11.58 8.84
C ARG A 87 14.86 -11.94 10.12
N PRO A 88 15.53 -11.99 11.29
CA PRO A 88 14.73 -12.29 12.50
C PRO A 88 13.57 -11.33 12.74
N VAL A 89 13.77 -10.06 12.42
CA VAL A 89 12.71 -9.06 12.52
C VAL A 89 11.69 -9.18 11.37
N ARG A 90 12.22 -9.42 10.17
CA ARG A 90 11.41 -9.61 8.96
C ARG A 90 10.39 -10.74 9.16
N LEU A 91 10.81 -11.79 9.86
CA LEU A 91 9.92 -12.91 10.14
C LEU A 91 8.68 -12.51 10.95
N GLU A 92 8.81 -11.47 11.78
CA GLU A 92 7.70 -10.98 12.59
C GLU A 92 6.89 -9.85 11.92
N VAL A 93 7.57 -9.00 11.14
CA VAL A 93 6.92 -7.85 10.51
C VAL A 93 6.17 -8.26 9.24
N PHE A 94 6.68 -9.28 8.54
CA PHE A 94 6.01 -9.81 7.35
C PHE A 94 5.70 -11.30 7.58
N PRO A 95 4.76 -11.61 8.48
CA PRO A 95 4.58 -13.02 8.88
C PRO A 95 4.07 -13.94 7.77
N GLY A 96 4.61 -15.16 7.74
CA GLY A 96 4.16 -16.17 6.79
C GLY A 96 4.21 -15.72 5.34
N LEU A 97 3.08 -15.86 4.66
CA LEU A 97 3.01 -15.60 3.24
C LEU A 97 3.16 -14.12 2.90
N GLN A 98 3.03 -13.24 3.91
CA GLN A 98 3.19 -11.81 3.65
C GLN A 98 4.58 -11.48 3.10
N ARG A 99 5.58 -12.25 3.50
CA ARG A 99 6.93 -12.05 2.95
C ARG A 99 6.95 -12.24 1.43
N SER A 100 6.26 -13.29 0.97
CA SER A 100 6.24 -13.66 -0.44
CA SER A 100 6.27 -13.64 -0.44
C SER A 100 5.49 -12.66 -1.31
N VAL A 101 4.43 -12.06 -0.77
CA VAL A 101 3.58 -11.22 -1.60
C VAL A 101 3.81 -9.73 -1.37
N PHE A 102 4.87 -9.39 -0.63
CA PHE A 102 5.14 -7.97 -0.37
C PHE A 102 5.38 -7.21 -1.68
N LYS A 103 6.19 -7.78 -2.58
CA LYS A 103 6.42 -7.18 -3.89
C LYS A 103 5.11 -6.82 -4.61
N SER A 104 4.19 -7.79 -4.69
CA SER A 104 2.91 -7.55 -5.37
C SER A 104 2.05 -6.50 -4.66
N SER A 105 2.06 -6.52 -3.34
CA SER A 105 1.26 -5.58 -2.55
CA SER A 105 1.25 -5.57 -2.58
C SER A 105 1.77 -4.15 -2.77
N VAL A 106 3.10 -4.02 -2.82
CA VAL A 106 3.72 -2.71 -3.07
C VAL A 106 3.38 -2.23 -4.48
N PHE A 107 3.46 -3.13 -5.46
CA PHE A 107 3.10 -2.78 -6.81
CA PHE A 107 3.11 -2.79 -6.84
C PHE A 107 1.65 -2.29 -6.94
N LEU A 108 0.72 -3.05 -6.39
CA LEU A 108 -0.69 -2.70 -6.52
C LEU A 108 -1.02 -1.43 -5.71
N GLY A 109 -0.49 -1.35 -4.48
CA GLY A 109 -0.72 -0.15 -3.67
C GLY A 109 -0.20 1.10 -4.36
N HIS A 110 1.00 1.01 -4.95
CA HIS A 110 1.60 2.14 -5.65
C HIS A 110 0.74 2.55 -6.86
N HIS A 111 0.37 1.55 -7.65
CA HIS A 111 -0.44 1.78 -8.84
C HIS A 111 -1.72 2.56 -8.49
N ILE A 112 -2.48 2.05 -7.52
CA ILE A 112 -3.76 2.68 -7.21
C ILE A 112 -3.60 4.03 -6.50
N ILE A 113 -2.64 4.16 -5.59
CA ILE A 113 -2.41 5.46 -4.97
C ILE A 113 -2.04 6.50 -6.03
N GLN A 114 -1.16 6.14 -6.98
CA GLN A 114 -0.79 7.10 -8.00
C GLN A 114 -1.94 7.49 -8.94
N ILE A 115 -2.86 6.57 -9.26
CA ILE A 115 -4.05 6.95 -10.03
C ILE A 115 -4.87 7.97 -9.25
N PHE A 116 -5.08 7.72 -7.96
CA PHE A 116 -5.88 8.62 -7.15
C PHE A 116 -5.24 10.00 -7.06
N MET A 117 -3.89 10.05 -7.09
CA MET A 117 -3.19 11.34 -7.00
C MET A 117 -3.11 12.04 -8.35
N GLY A 118 -3.57 11.37 -9.40
CA GLY A 118 -3.67 12.00 -10.71
C GLY A 118 -2.64 11.59 -11.73
N ALA A 119 -1.67 10.79 -11.30
CA ALA A 119 -0.54 10.38 -12.13
C ALA A 119 -0.95 9.84 -13.48
N LYS A 120 -0.25 10.29 -14.51
CA LYS A 120 -0.55 9.85 -15.87
C LYS A 120 0.48 8.86 -16.38
N LYS A 121 0.83 7.90 -15.53
CA LYS A 121 1.35 6.61 -15.99
C LYS A 121 2.79 6.74 -16.50
N PRO A 122 3.32 5.72 -17.22
CA PRO A 122 2.89 4.34 -17.48
C PRO A 122 3.13 3.48 -16.24
N PHE A 123 2.24 2.52 -16.01
CA PHE A 123 2.45 1.57 -14.94
C PHE A 123 2.88 0.25 -15.56
N GLN A 124 3.55 -0.59 -14.78
CA GLN A 124 4.01 -1.86 -15.29
C GLN A 124 2.88 -2.87 -15.46
N ASP A 125 3.10 -3.78 -16.40
CA ASP A 125 2.17 -4.83 -16.78
C ASP A 125 1.93 -5.79 -15.61
N TRP A 126 0.67 -6.02 -15.26
CA TRP A 126 0.31 -6.86 -14.10
C TRP A 126 0.79 -8.31 -14.24
N SER A 127 0.69 -8.85 -15.45
CA SER A 127 1.18 -10.21 -15.66
C SER A 127 2.71 -10.27 -15.60
N PHE A 128 3.37 -9.28 -16.19
CA PHE A 128 4.84 -9.26 -16.19
C PHE A 128 5.42 -9.23 -14.78
N VAL A 129 4.81 -8.45 -13.88
CA VAL A 129 5.40 -8.28 -12.55
C VAL A 129 4.95 -9.36 -11.56
N GLY A 130 4.06 -10.26 -11.99
CA GLY A 130 3.65 -11.38 -11.16
C GLY A 130 2.36 -11.15 -10.36
N LEU A 131 1.80 -9.95 -10.46
CA LEU A 131 0.58 -9.63 -9.72
C LEU A 131 -0.60 -10.45 -10.22
N ALA A 132 -0.71 -10.60 -11.55
CA ALA A 132 -1.82 -11.34 -12.12
C ALA A 132 -1.82 -12.78 -11.63
N GLN A 133 -0.63 -13.38 -11.58
CA GLN A 133 -0.50 -14.75 -11.10
C GLN A 133 -0.86 -14.85 -9.62
N ASP A 134 -0.39 -13.88 -8.82
CA ASP A 134 -0.70 -13.87 -7.38
C ASP A 134 -2.22 -13.80 -7.14
N PHE A 135 -2.93 -13.02 -7.95
CA PHE A 135 -4.38 -12.91 -7.85
C PHE A 135 -5.09 -14.26 -7.97
N GLU A 136 -4.49 -15.18 -8.73
CA GLU A 136 -5.12 -16.49 -8.98
C GLU A 136 -5.16 -17.40 -7.76
N CYS A 137 -4.36 -17.10 -6.74
CA CYS A 137 -4.27 -17.94 -5.54
C CYS A 137 -5.03 -17.30 -4.39
N PRO A 138 -6.03 -18.02 -3.82
CA PRO A 138 -6.81 -17.43 -2.73
C PRO A 138 -5.99 -17.08 -1.50
N TRP A 139 -4.96 -17.88 -1.20
CA TRP A 139 -4.17 -17.65 0.01
C TRP A 139 -3.24 -16.45 -0.19
N ARG A 140 -2.71 -16.29 -1.42
CA ARG A 140 -1.95 -15.09 -1.73
C ARG A 140 -2.84 -13.84 -1.71
N ARG A 141 -4.09 -13.96 -2.20
CA ARG A 141 -5.04 -12.83 -2.12
C ARG A 141 -5.28 -12.41 -0.66
N LEU A 142 -5.39 -13.39 0.25
CA LEU A 142 -5.61 -13.05 1.64
C LEU A 142 -4.42 -12.28 2.20
N ALA A 143 -3.20 -12.70 1.84
CA ALA A 143 -1.98 -12.10 2.37
C ALA A 143 -1.77 -10.69 1.80
N ILE A 144 -2.07 -10.50 0.52
CA ILE A 144 -2.03 -9.17 -0.08
C ILE A 144 -3.01 -8.22 0.63
N ALA A 145 -4.23 -8.69 0.86
CA ALA A 145 -5.21 -7.88 1.60
C ALA A 145 -4.70 -7.51 3.00
N GLU A 146 -4.08 -8.47 3.69
CA GLU A 146 -3.54 -8.18 5.02
C GLU A 146 -2.49 -7.05 4.96
N LEU A 147 -1.64 -7.07 3.93
CA LEU A 147 -0.61 -6.04 3.80
C LEU A 147 -1.22 -4.69 3.39
N LEU A 148 -2.18 -4.69 2.46
CA LEU A 148 -2.81 -3.41 2.09
C LEU A 148 -3.48 -2.76 3.30
N LYS A 149 -4.07 -3.58 4.16
CA LYS A 149 -4.68 -3.07 5.37
C LYS A 149 -3.63 -2.48 6.32
N LYS A 150 -2.51 -3.18 6.49
CA LYS A 150 -1.41 -2.64 7.28
C LYS A 150 -0.89 -1.30 6.75
N PHE A 151 -0.82 -1.16 5.42
CA PHE A 151 -0.36 0.11 4.83
C PHE A 151 -1.32 1.23 5.24
N SER A 152 -2.61 0.93 5.21
CA SER A 152 -3.61 1.95 5.53
C SER A 152 -3.59 2.32 7.00
N VAL A 153 -3.62 1.33 7.90
CA VAL A 153 -3.67 1.67 9.33
C VAL A 153 -2.44 2.42 9.79
N SER A 154 -1.29 2.18 9.14
CA SER A 154 0.00 2.78 9.50
CA SER A 154 -0.06 2.79 9.61
C SER A 154 0.03 4.29 9.28
N VAL A 155 -0.88 4.81 8.46
CA VAL A 155 -0.90 6.24 8.22
C VAL A 155 -2.10 6.92 8.89
N VAL A 156 -2.97 6.12 9.48
CA VAL A 156 -4.12 6.63 10.23
C VAL A 156 -3.85 6.64 11.73
N GLU A 157 -3.29 5.56 12.25
CA GLU A 157 -3.00 5.49 13.68
C GLU A 157 -1.81 6.39 14.02
N LYS A 158 -1.64 6.72 15.30
CA LYS A 158 -0.48 7.50 15.72
C LYS A 158 0.71 6.59 15.99
N VAL A 159 1.47 6.29 14.95
CA VAL A 159 2.51 5.27 15.09
C VAL A 159 3.79 5.81 15.73
N PHE A 160 3.97 7.13 15.70
CA PHE A 160 5.05 7.78 16.42
C PHE A 160 4.46 8.57 17.59
N ASP A 161 5.23 8.81 18.64
CA ASP A 161 4.71 9.60 19.75
C ASP A 161 4.66 11.09 19.38
N ASN A 162 5.43 11.48 18.37
CA ASN A 162 5.32 12.83 17.84
C ASN A 162 4.73 12.80 16.44
N PRO A 163 3.80 13.71 16.14
CA PRO A 163 3.21 13.80 14.80
C PRO A 163 4.29 13.90 13.71
N VAL A 164 4.07 13.20 12.61
CA VAL A 164 5.00 13.20 11.48
C VAL A 164 4.17 13.21 10.20
N ALA A 165 4.30 14.25 9.39
CA ALA A 165 3.56 14.34 8.13
C ALA A 165 3.93 13.19 7.19
N LEU A 166 2.92 12.64 6.51
CA LEU A 166 3.13 11.57 5.54
C LEU A 166 4.18 11.92 4.48
N ILE A 167 4.03 13.07 3.85
CA ILE A 167 5.00 13.58 2.88
C ILE A 167 5.78 14.73 3.48
N PRO A 168 7.11 14.62 3.52
CA PRO A 168 7.91 15.70 4.12
C PRO A 168 7.61 17.05 3.48
N GLN A 169 7.48 18.07 4.34
CA GLN A 169 7.18 19.46 3.96
C GLN A 169 5.70 19.69 3.66
N HIS A 170 4.91 18.62 3.63
CA HIS A 170 3.47 18.78 3.38
C HIS A 170 2.69 18.70 4.70
N GLU A 171 2.62 19.82 5.41
CA GLU A 171 2.05 19.84 6.75
C GLU A 171 0.58 20.27 6.77
N SER A 172 0.27 21.42 6.17
CA SER A 172 -1.09 21.94 6.20
C SER A 172 -2.05 21.05 5.42
N ASP A 173 -1.51 20.34 4.42
CA ASP A 173 -2.31 19.44 3.58
C ASP A 173 -2.13 17.97 3.99
N ASN A 174 -1.57 17.71 5.17
CA ASN A 174 -1.33 16.33 5.59
C ASN A 174 -2.62 15.53 5.73
N GLU A 175 -3.63 16.10 6.39
CA GLU A 175 -4.91 15.42 6.55
C GLU A 175 -5.56 15.08 5.21
N ALA A 176 -5.49 16.03 4.27
CA ALA A 176 -6.06 15.83 2.93
C ALA A 176 -5.35 14.70 2.21
N LEU A 177 -4.02 14.66 2.30
CA LEU A 177 -3.26 13.61 1.63
C LEU A 177 -3.55 12.24 2.24
N ILE A 178 -3.64 12.17 3.56
CA ILE A 178 -3.95 10.90 4.24
C ILE A 178 -5.33 10.38 3.83
N GLU A 179 -6.30 11.28 3.75
CA GLU A 179 -7.64 10.92 3.29
C GLU A 179 -7.61 10.29 1.90
N LEU A 180 -6.89 10.95 0.99
CA LEU A 180 -6.81 10.48 -0.39
C LEU A 180 -6.11 9.11 -0.45
N VAL A 181 -5.00 8.99 0.28
CA VAL A 181 -4.21 7.76 0.24
C VAL A 181 -4.97 6.61 0.88
N THR A 182 -5.68 6.87 1.99
CA THR A 182 -6.44 5.76 2.61
C THR A 182 -7.63 5.37 1.72
N ASN A 183 -8.23 6.31 1.00
CA ASN A 183 -9.30 5.93 0.06
C ASN A 183 -8.73 5.09 -1.10
N ALA A 184 -7.54 5.45 -1.58
CA ALA A 184 -6.88 4.66 -2.63
C ALA A 184 -6.59 3.24 -2.17
N LEU A 185 -6.04 3.10 -0.97
CA LEU A 185 -5.74 1.78 -0.43
C LEU A 185 -7.00 0.96 -0.18
N ARG A 186 -8.10 1.63 0.16
CA ARG A 186 -9.36 0.91 0.33
C ARG A 186 -9.83 0.38 -1.02
N PHE A 187 -9.62 1.14 -2.09
CA PHE A 187 -9.99 0.62 -3.41
C PHE A 187 -9.05 -0.51 -3.85
N ALA A 188 -7.76 -0.42 -3.53
CA ALA A 188 -6.86 -1.53 -3.84
C ALA A 188 -7.35 -2.80 -3.13
N LEU A 189 -7.81 -2.64 -1.89
CA LEU A 189 -8.30 -3.76 -1.12
CA LEU A 189 -8.34 -3.74 -1.11
C LEU A 189 -9.56 -4.34 -1.78
N TRP A 190 -10.43 -3.46 -2.31
CA TRP A 190 -11.64 -3.90 -2.99
C TRP A 190 -11.31 -4.78 -4.20
N ILE A 191 -10.31 -4.36 -5.00
CA ILE A 191 -9.85 -5.13 -6.17
C ILE A 191 -9.51 -6.58 -5.76
N VAL A 192 -8.77 -6.73 -4.67
CA VAL A 192 -8.35 -8.05 -4.20
C VAL A 192 -9.52 -8.84 -3.64
N GLU A 193 -10.30 -8.22 -2.76
CA GLU A 193 -11.36 -8.94 -2.05
C GLU A 193 -12.56 -9.27 -2.94
N PHE A 194 -12.74 -8.55 -4.04
CA PHE A 194 -13.84 -8.88 -4.96
C PHE A 194 -13.33 -9.34 -6.32
N TYR A 195 -12.15 -9.96 -6.32
CA TYR A 195 -11.60 -10.59 -7.51
C TYR A 195 -12.57 -11.61 -8.10
N GLU A 196 -12.94 -11.38 -9.37
CA GLU A 196 -13.82 -12.23 -10.18
C GLU A 196 -15.28 -12.22 -9.69
N THR A 197 -15.61 -11.29 -8.78
CA THR A 197 -17.00 -11.03 -8.42
C THR A 197 -17.30 -9.52 -8.47
N GLU A 198 -16.55 -8.79 -9.28
CA GLU A 198 -16.56 -7.33 -9.27
C GLU A 198 -17.93 -6.70 -9.53
N THR A 199 -18.72 -7.27 -10.43
CA THR A 199 -19.97 -6.61 -10.81
C THR A 199 -21.19 -7.20 -10.11
N ASN A 200 -20.98 -8.09 -9.14
CA ASN A 200 -22.08 -8.55 -8.29
C ASN A 200 -22.66 -7.39 -7.49
N GLU A 201 -23.97 -7.43 -7.26
CA GLU A 201 -24.65 -6.37 -6.52
C GLU A 201 -23.99 -6.06 -5.16
N LYS A 202 -23.69 -7.09 -4.39
CA LYS A 202 -23.06 -6.89 -3.08
C LYS A 202 -21.67 -6.27 -3.20
N SER A 203 -20.95 -6.61 -4.27
CA SER A 203 -19.63 -6.03 -4.49
C SER A 203 -19.72 -4.55 -4.83
N ILE A 204 -20.66 -4.20 -5.69
CA ILE A 204 -20.83 -2.81 -6.09
C ILE A 204 -21.24 -1.92 -4.90
N LYS A 205 -21.99 -2.48 -3.95
CA LYS A 205 -22.37 -1.72 -2.76
C LYS A 205 -21.16 -1.27 -1.93
N GLU A 206 -20.07 -2.04 -2.00
CA GLU A 206 -18.86 -1.71 -1.27
C GLU A 206 -18.00 -0.66 -1.97
N LEU A 207 -18.52 -0.11 -3.07
CA LEU A 207 -17.88 1.06 -3.70
C LEU A 207 -18.56 2.38 -3.30
N ALA A 208 -19.51 2.33 -2.36
CA ALA A 208 -20.24 3.54 -1.97
C ALA A 208 -19.32 4.63 -1.38
N PHE A 209 -18.20 4.21 -0.80
CA PHE A 209 -17.25 5.14 -0.16
C PHE A 209 -16.56 6.05 -1.17
N LEU A 210 -16.56 5.66 -2.44
CA LEU A 210 -15.73 6.33 -3.44
C LEU A 210 -16.32 7.64 -3.98
N ASP A 211 -15.52 8.72 -3.91
CA ASP A 211 -15.86 9.99 -4.58
C ASP A 211 -16.07 9.77 -6.07
N HIS A 212 -17.01 10.48 -6.66
CA HIS A 212 -17.25 10.35 -8.10
C HIS A 212 -16.02 10.73 -8.93
N SER A 213 -15.27 11.73 -8.49
CA SER A 213 -14.13 12.14 -9.30
CA SER A 213 -14.07 12.17 -9.23
C SER A 213 -13.02 11.08 -9.28
N SER A 214 -12.76 10.47 -8.13
CA SER A 214 -11.80 9.37 -8.07
C SER A 214 -12.25 8.20 -8.96
N LYS A 215 -13.54 7.92 -8.93
CA LYS A 215 -14.11 6.88 -9.79
CA LYS A 215 -14.14 6.90 -9.79
C LYS A 215 -13.84 7.17 -11.27
N THR A 216 -14.03 8.40 -11.70
CA THR A 216 -13.73 8.75 -13.09
C THR A 216 -12.24 8.64 -13.42
N LEU A 217 -11.38 9.08 -12.50
CA LEU A 217 -9.93 8.94 -12.73
C LEU A 217 -9.54 7.47 -12.89
N LEU A 218 -10.11 6.59 -12.07
CA LEU A 218 -9.90 5.15 -12.22
C LEU A 218 -10.37 4.63 -13.57
N ILE A 219 -11.60 5.00 -13.95
CA ILE A 219 -12.12 4.58 -15.25
C ILE A 219 -11.19 5.01 -16.41
N GLU A 220 -10.78 6.26 -16.41
CA GLU A 220 -9.91 6.75 -17.49
C GLU A 220 -8.55 6.05 -17.48
N SER A 221 -7.97 5.88 -16.30
CA SER A 221 -6.67 5.24 -16.21
C SER A 221 -6.69 3.78 -16.68
N PHE A 222 -7.67 3.01 -16.22
CA PHE A 222 -7.73 1.61 -16.58
C PHE A 222 -8.09 1.43 -18.07
N THR A 223 -8.85 2.38 -18.63
CA THR A 223 -9.21 2.30 -20.04
C THR A 223 -7.98 2.46 -20.94
N LYS A 224 -7.04 3.30 -20.51
CA LYS A 224 -5.76 3.40 -21.22
C LYS A 224 -4.86 2.18 -20.92
N PHE A 225 -4.80 1.78 -19.66
CA PHE A 225 -3.92 0.68 -19.22
C PHE A 225 -4.17 -0.63 -19.94
N LEU A 226 -5.44 -0.94 -20.21
CA LEU A 226 -5.76 -2.26 -20.73
C LEU A 226 -5.33 -2.42 -22.18
N GLN A 227 -5.08 -1.30 -22.87
CA GLN A 227 -4.79 -1.37 -24.30
C GLN A 227 -3.51 -2.17 -24.58
N GLY A 228 -3.65 -3.19 -25.42
CA GLY A 228 -2.52 -3.99 -25.85
C GLY A 228 -2.13 -5.11 -24.91
N LYS A 229 -2.73 -5.11 -23.72
CA LYS A 229 -2.40 -6.09 -22.69
C LYS A 229 -2.87 -7.50 -23.06
N ASP A 230 -2.35 -8.48 -22.33
CA ASP A 230 -2.83 -9.86 -22.45
C ASP A 230 -4.33 -9.91 -22.18
N VAL A 231 -5.03 -10.78 -22.91
CA VAL A 231 -6.49 -10.81 -22.91
C VAL A 231 -7.10 -10.98 -21.52
N LYS A 232 -6.46 -11.82 -20.70
CA LYS A 232 -6.95 -12.09 -19.36
C LYS A 232 -6.86 -10.83 -18.49
N ASP A 233 -5.78 -10.07 -18.66
CA ASP A 233 -5.65 -8.79 -17.97
C ASP A 233 -6.69 -7.80 -18.47
N GLN A 234 -6.94 -7.78 -19.78
CA GLN A 234 -7.96 -6.88 -20.32
C GLN A 234 -9.35 -7.20 -19.77
N ASP A 235 -9.68 -8.49 -19.68
CA ASP A 235 -10.98 -8.90 -19.14
C ASP A 235 -11.14 -8.45 -17.67
N HIS A 236 -10.08 -8.68 -16.89
CA HIS A 236 -10.05 -8.27 -15.49
C HIS A 236 -10.30 -6.76 -15.35
N LEU A 237 -9.56 -5.97 -16.12
CA LEU A 237 -9.69 -4.53 -16.06
C LEU A 237 -11.07 -4.09 -16.53
N LYS A 238 -11.61 -4.79 -17.52
CA LYS A 238 -12.94 -4.44 -18.01
C LYS A 238 -14.02 -4.70 -16.97
N ARG A 239 -13.88 -5.76 -16.16
CA ARG A 239 -14.84 -6.02 -15.09
C ARG A 239 -14.78 -4.91 -14.04
N ILE A 240 -13.56 -4.46 -13.70
CA ILE A 240 -13.41 -3.39 -12.73
C ILE A 240 -14.05 -2.10 -13.27
N ILE A 241 -13.79 -1.76 -14.53
CA ILE A 241 -14.36 -0.57 -15.13
C ILE A 241 -15.89 -0.62 -15.11
N ASP A 242 -16.42 -1.79 -15.45
CA ASP A 242 -17.88 -1.99 -15.47
CA ASP A 242 -17.88 -1.98 -15.47
C ASP A 242 -18.49 -1.77 -14.09
N ALA A 243 -17.84 -2.31 -13.05
CA ALA A 243 -18.29 -2.15 -11.68
C ALA A 243 -18.30 -0.67 -11.29
N LEU A 244 -17.25 0.05 -11.66
CA LEU A 244 -17.16 1.48 -11.34
C LEU A 244 -18.30 2.24 -12.03
N GLU A 245 -18.61 1.90 -13.27
CA GLU A 245 -19.66 2.61 -14.01
CA GLU A 245 -19.67 2.59 -14.03
C GLU A 245 -21.06 2.29 -13.46
N LYS A 246 -21.23 1.10 -12.88
CA LYS A 246 -22.50 0.67 -12.33
C LYS A 246 -22.74 1.14 -10.89
N SER A 247 -21.69 1.64 -10.24
N SER A 247 -21.70 1.65 -10.24
CA SER A 247 -21.80 2.08 -8.85
CA SER A 247 -21.83 2.16 -8.88
C SER A 247 -22.46 3.45 -8.75
C SER A 247 -22.37 3.59 -8.87
S SO4 B . 7.05 17.35 -3.27
O1 SO4 B . 7.92 17.58 -4.42
O2 SO4 B . 5.84 16.65 -3.71
O3 SO4 B . 6.68 18.63 -2.66
O4 SO4 B . 7.77 16.55 -2.28
S SO4 C . 13.56 -14.49 2.99
O1 SO4 C . 13.29 -15.18 1.72
O2 SO4 C . 12.86 -15.18 4.07
O3 SO4 C . 13.08 -13.12 2.90
O4 SO4 C . 15.00 -14.50 3.24
C1 EDO D . -18.26 -10.58 -13.37
O1 EDO D . -18.10 -9.18 -13.67
C2 EDO D . -17.95 -10.81 -11.90
O2 EDO D . -19.01 -10.32 -11.09
C1 EDO E . 7.73 6.69 18.91
O1 EDO E . 8.18 7.91 18.28
C2 EDO E . 8.83 5.63 18.83
O2 EDO E . 8.29 4.40 19.31
#